data_7ZBG
#
_entry.id   7ZBG
#
_cell.length_a   103.400
_cell.length_b   103.400
_cell.length_c   67.020
_cell.angle_alpha   90.000
_cell.angle_beta   90.000
_cell.angle_gamma   120.000
#
_symmetry.space_group_name_H-M   'P 3 2 1'
#
loop_
_entity.id
_entity.type
_entity.pdbx_description
1 polymer 'DNA topoisomerase 2-beta'
2 non-polymer "ADENOSINE-5'-DIPHOSPHATE"
3 non-polymer 'SULFATE ION'
4 non-polymer 'MAGNESIUM ION'
5 non-polymer 4-[(2S,3R)-3-[3,5-bis(oxidanylidene)piperazin-1-ium-1-yl]butan-2-yl]piperazin-4-ium-2,6-dione
6 water water
#
_entity_poly.entity_id   1
_entity_poly.type   'polypeptide(L)'
_entity_poly.pdbx_seq_one_letter_code
;SVERVYQKKTQLEHILLRPDTYIGSVEPLTQFMWVYDEDVGMNCREVTFVPGLYKIFDEILVNAADNKQRDKNMTCIKVS
IDPESNIISIWNNGKGIPVVEHKVEKVYVPALIFGQLLTSSNYDDDEKKVTGGRNGYGAKLCNIFSTKFTVETACKEYKH
SFKQTWMNNMMKTSEAKIKHFDGEDYTCITFQPDLSKFKMEKLDKDIVALMTRRAYDLAGSCRGVKVMFNGKKLPVNGFR
SYVDLYVKDKLDETGVALKVIHELANERWDVCLTLSEKGFQQISFVNSIATTKGGRHVDYVVDQVVGKLIEVVKKKNKAG
VSVKPFQVKNHIWVFINCLIENPTFDSQTKENMTLQPKSFGSKCQLSEKFFKAASNCGIVESILNWVKFKAQTQLNKKCS
;
_entity_poly.pdbx_strand_id   A
#
loop_
_chem_comp.id
_chem_comp.type
_chem_comp.name
_chem_comp.formula
ADP non-polymer ADENOSINE-5'-DIPHOSPHATE 'C10 H15 N5 O10 P2'
ITH non-polymer 4-[(2S,3R)-3-[3,5-bis(oxidanylidene)piperazin-1-ium-1-yl]butan-2-yl]piperazin-4-ium-2,6-dione 'C12 H20 N4 O4 2'
MG non-polymer 'MAGNESIUM ION' 'Mg 2'
SO4 non-polymer 'SULFATE ION' 'O4 S -2'
#
# COMPACT_ATOMS: atom_id res chain seq x y z
N SER A 1 35.25 -28.23 -6.65
CA SER A 1 36.06 -27.55 -5.58
C SER A 1 35.16 -26.95 -4.49
N VAL A 2 35.58 -27.11 -3.24
CA VAL A 2 34.75 -26.88 -2.06
C VAL A 2 34.26 -25.42 -1.92
N GLU A 3 35.11 -24.43 -2.22
CA GLU A 3 34.79 -23.02 -2.07
C GLU A 3 33.99 -22.49 -3.27
N ARG A 4 33.90 -23.23 -4.37
CA ARG A 4 33.01 -22.87 -5.46
C ARG A 4 31.64 -23.51 -5.24
N VAL A 5 31.64 -24.72 -4.69
CA VAL A 5 30.41 -25.46 -4.45
C VAL A 5 29.68 -24.85 -3.25
N TYR A 6 30.34 -24.64 -2.08
CA TYR A 6 29.71 -24.16 -0.87
C TYR A 6 30.03 -22.67 -0.67
N GLN A 7 28.98 -21.85 -0.79
CA GLN A 7 29.07 -20.40 -0.83
C GLN A 7 28.21 -19.73 0.23
N LYS A 8 28.79 -18.70 0.84
CA LYS A 8 28.06 -17.71 1.59
C LYS A 8 27.83 -16.49 0.70
N LYS A 9 26.62 -15.97 0.77
CA LYS A 9 26.29 -14.72 0.15
C LYS A 9 26.10 -13.65 1.22
N THR A 10 26.42 -12.41 0.86
CA THR A 10 25.90 -11.29 1.64
C THR A 10 24.41 -11.19 1.41
N GLN A 11 23.76 -10.55 2.38
CA GLN A 11 22.37 -10.16 2.30
C GLN A 11 22.02 -9.47 0.98
N LEU A 12 22.79 -8.41 0.63
CA LEU A 12 22.48 -7.68 -0.58
C LEU A 12 22.60 -8.63 -1.77
N GLU A 13 23.66 -9.44 -1.84
CA GLU A 13 23.84 -10.28 -3.00
C GLU A 13 22.72 -11.33 -3.06
N HIS A 14 22.24 -11.78 -1.89
CA HIS A 14 21.16 -12.75 -1.86
C HIS A 14 19.85 -12.22 -2.44
N ILE A 15 19.56 -10.94 -2.16
CA ILE A 15 18.34 -10.33 -2.67
C ILE A 15 18.36 -10.30 -4.20
N LEU A 16 19.48 -9.88 -4.78
CA LEU A 16 19.65 -9.81 -6.23
C LEU A 16 19.68 -11.19 -6.87
N LEU A 17 20.18 -12.20 -6.15
CA LEU A 17 20.21 -13.56 -6.69
C LEU A 17 18.85 -14.24 -6.60
N ARG A 18 18.10 -13.92 -5.55
CA ARG A 18 16.82 -14.53 -5.26
C ARG A 18 15.72 -13.45 -5.16
N PRO A 19 15.58 -12.56 -6.17
CA PRO A 19 14.64 -11.45 -6.11
C PRO A 19 13.24 -11.90 -5.75
N ASP A 20 12.83 -13.04 -6.30
CA ASP A 20 11.45 -13.49 -6.17
C ASP A 20 11.10 -13.85 -4.71
N THR A 21 12.07 -14.15 -3.87
CA THR A 21 11.70 -14.48 -2.51
C THR A 21 11.44 -13.22 -1.68
N TYR A 22 11.84 -12.04 -2.17
CA TYR A 22 11.68 -10.80 -1.42
C TYR A 22 10.56 -9.94 -2.00
N ILE A 23 10.53 -9.77 -3.33
CA ILE A 23 9.59 -8.87 -3.98
C ILE A 23 8.54 -9.62 -4.80
N GLY A 24 8.50 -10.96 -4.73
CA GLY A 24 7.59 -11.74 -5.56
C GLY A 24 8.12 -11.96 -6.97
N SER A 25 7.32 -12.49 -7.87
CA SER A 25 7.79 -12.79 -9.22
C SER A 25 8.37 -11.56 -9.96
N VAL A 26 9.59 -11.76 -10.50
CA VAL A 26 10.18 -10.82 -11.44
C VAL A 26 9.86 -11.18 -12.88
N GLU A 27 9.01 -12.21 -13.06
CA GLU A 27 8.50 -12.60 -14.36
C GLU A 27 7.09 -12.00 -14.49
N PRO A 28 6.65 -11.63 -15.72
CA PRO A 28 5.24 -11.32 -16.00
C PRO A 28 4.18 -12.30 -15.47
N LEU A 29 3.00 -11.77 -15.15
CA LEU A 29 1.80 -12.50 -14.78
C LEU A 29 0.61 -11.84 -15.50
N THR A 30 -0.29 -12.66 -16.07
CA THR A 30 -1.49 -12.14 -16.72
C THR A 30 -2.68 -12.52 -15.88
N GLN A 31 -3.48 -11.53 -15.46
CA GLN A 31 -4.75 -11.84 -14.79
C GLN A 31 -5.68 -10.64 -14.84
N PHE A 32 -6.94 -10.91 -14.47
CA PHE A 32 -7.95 -9.86 -14.33
C PHE A 32 -7.70 -9.09 -13.04
N MET A 33 -7.51 -7.77 -13.15
CA MET A 33 -7.33 -6.90 -12.00
C MET A 33 -8.26 -5.69 -12.18
N TRP A 34 -8.71 -5.11 -11.07
CA TRP A 34 -9.10 -3.70 -11.03
C TRP A 34 -7.89 -2.81 -11.28
N VAL A 35 -8.01 -1.89 -12.24
CA VAL A 35 -7.00 -0.87 -12.50
C VAL A 35 -7.72 0.46 -12.77
N TYR A 36 -6.93 1.56 -12.77
CA TYR A 36 -7.47 2.86 -13.14
C TYR A 36 -6.76 3.35 -14.38
N ASP A 37 -7.46 3.23 -15.52
CA ASP A 37 -6.97 3.64 -16.82
C ASP A 37 -7.30 5.10 -17.03
N GLU A 38 -6.41 5.84 -17.73
CA GLU A 38 -6.52 7.28 -17.84
C GLU A 38 -7.86 7.71 -18.40
N ASP A 39 -8.31 7.02 -19.46
CA ASP A 39 -9.49 7.46 -20.21
C ASP A 39 -10.79 7.09 -19.53
N VAL A 40 -10.90 5.89 -18.94
CA VAL A 40 -12.16 5.37 -18.51
C VAL A 40 -12.24 5.20 -16.98
N GLY A 41 -11.07 5.24 -16.32
CA GLY A 41 -10.99 5.12 -14.87
C GLY A 41 -11.13 3.68 -14.38
N MET A 42 -11.89 3.51 -13.28
CA MET A 42 -11.87 2.24 -12.58
C MET A 42 -12.61 1.19 -13.41
N ASN A 43 -11.91 0.11 -13.79
CA ASN A 43 -12.44 -1.01 -14.57
C ASN A 43 -11.68 -2.29 -14.22
N CYS A 44 -12.38 -3.46 -14.31
CA CYS A 44 -11.81 -4.79 -14.12
C CYS A 44 -11.45 -5.37 -15.48
N ARG A 45 -10.18 -5.68 -15.70
CA ARG A 45 -9.77 -6.21 -17.00
C ARG A 45 -8.48 -7.00 -16.86
N GLU A 46 -8.17 -7.66 -17.99
CA GLU A 46 -6.97 -8.44 -18.16
C GLU A 46 -5.76 -7.52 -18.29
N VAL A 47 -4.74 -7.82 -17.49
CA VAL A 47 -3.57 -7.00 -17.23
C VAL A 47 -2.41 -7.97 -17.16
N THR A 48 -1.32 -7.58 -17.81
CA THR A 48 -0.06 -8.27 -17.71
C THR A 48 0.93 -7.31 -17.09
N PHE A 49 1.55 -7.73 -15.98
CA PHE A 49 2.51 -6.93 -15.22
C PHE A 49 3.40 -7.84 -14.39
N VAL A 50 4.46 -7.23 -13.83
CA VAL A 50 5.41 -7.94 -13.01
C VAL A 50 5.14 -7.67 -11.53
N PRO A 51 4.67 -8.67 -10.75
CA PRO A 51 4.41 -8.46 -9.34
C PRO A 51 5.55 -7.77 -8.59
N GLY A 52 6.81 -8.15 -8.79
CA GLY A 52 7.92 -7.55 -8.10
C GLY A 52 7.96 -6.02 -8.26
N LEU A 53 7.66 -5.53 -9.47
CA LEU A 53 7.62 -4.09 -9.70
C LEU A 53 6.48 -3.36 -8.96
N TYR A 54 5.27 -3.92 -9.08
CA TYR A 54 4.13 -3.42 -8.34
C TYR A 54 4.51 -3.28 -6.88
N LYS A 55 5.25 -4.25 -6.36
CA LYS A 55 5.48 -4.35 -4.93
C LYS A 55 6.52 -3.32 -4.42
N ILE A 56 7.58 -2.97 -5.18
CA ILE A 56 8.49 -1.97 -4.64
C ILE A 56 7.82 -0.62 -4.64
N PHE A 57 6.96 -0.37 -5.64
CA PHE A 57 6.13 0.82 -5.66
C PHE A 57 5.22 0.88 -4.44
N ASP A 58 4.37 -0.12 -4.25
CA ASP A 58 3.44 -0.24 -3.14
C ASP A 58 4.16 -0.06 -1.81
N GLU A 59 5.41 -0.51 -1.69
CA GLU A 59 6.16 -0.35 -0.44
C GLU A 59 6.37 1.13 -0.10
N ILE A 60 6.74 1.97 -1.07
CA ILE A 60 6.94 3.40 -0.83
C ILE A 60 5.60 4.09 -0.52
N LEU A 61 4.59 3.67 -1.23
CA LEU A 61 3.25 4.19 -1.04
C LEU A 61 2.65 3.86 0.34
N VAL A 62 2.75 2.61 0.83
CA VAL A 62 2.27 2.25 2.16
C VAL A 62 3.07 2.98 3.23
N ASN A 63 4.35 3.23 2.99
CA ASN A 63 5.16 3.99 3.97
C ASN A 63 4.63 5.42 4.15
N ALA A 64 4.14 6.05 3.08
CA ALA A 64 3.54 7.38 3.18
C ALA A 64 2.30 7.29 4.07
N ALA A 65 1.43 6.29 3.78
CA ALA A 65 0.19 6.09 4.52
C ALA A 65 0.46 5.78 5.99
N ASP A 66 1.50 5.00 6.27
CA ASP A 66 1.87 4.74 7.65
C ASP A 66 2.17 6.04 8.42
N ASN A 67 2.72 7.05 7.74
CA ASN A 67 3.10 8.29 8.40
C ASN A 67 1.88 9.00 8.97
N LYS A 68 0.72 8.76 8.36
CA LYS A 68 -0.51 9.34 8.84
C LYS A 68 -0.81 8.84 10.25
N GLN A 69 -0.63 7.53 10.44
CA GLN A 69 -0.74 6.88 11.73
C GLN A 69 0.35 7.36 12.66
N ARG A 70 1.53 7.62 12.09
CA ARG A 70 2.61 8.15 12.91
C ARG A 70 2.30 9.59 13.41
N ASP A 71 1.73 10.38 12.52
CA ASP A 71 1.44 11.75 12.83
C ASP A 71 0.11 12.04 12.17
N LYS A 72 -0.95 12.15 12.97
CA LYS A 72 -2.24 12.50 12.41
C LYS A 72 -2.30 13.89 11.80
N ASN A 73 -1.37 14.81 12.09
CA ASN A 73 -1.43 16.15 11.49
C ASN A 73 -1.09 16.14 10.00
N MET A 74 -0.64 14.98 9.51
CA MET A 74 -0.40 14.79 8.08
C MET A 74 -1.68 15.02 7.28
N THR A 75 -1.63 15.83 6.22
CA THR A 75 -2.84 16.06 5.43
C THR A 75 -2.70 15.66 3.96
N CYS A 76 -1.50 15.40 3.44
CA CYS A 76 -1.41 15.21 1.99
C CYS A 76 -0.31 14.22 1.57
N ILE A 77 -0.60 13.49 0.50
CA ILE A 77 0.33 12.64 -0.22
C ILE A 77 0.19 12.95 -1.70
N LYS A 78 1.31 13.34 -2.34
CA LYS A 78 1.46 13.49 -3.78
C LYS A 78 2.23 12.28 -4.38
N VAL A 79 1.60 11.68 -5.37
CA VAL A 79 2.07 10.59 -6.17
C VAL A 79 2.25 11.18 -7.57
N SER A 80 3.44 10.98 -8.15
CA SER A 80 3.76 11.37 -9.48
C SER A 80 4.46 10.23 -10.20
N ILE A 81 4.01 9.95 -11.44
CA ILE A 81 4.67 9.00 -12.33
C ILE A 81 5.00 9.63 -13.69
N ASP A 82 6.28 9.64 -14.06
CA ASP A 82 6.73 10.02 -15.39
C ASP A 82 7.27 8.79 -16.13
N PRO A 83 6.42 8.07 -16.91
CA PRO A 83 6.83 6.82 -17.55
C PRO A 83 8.03 7.02 -18.50
N GLU A 84 8.01 8.13 -19.24
CA GLU A 84 8.97 8.38 -20.29
C GLU A 84 10.36 8.56 -19.68
N SER A 85 10.47 9.29 -18.57
CA SER A 85 11.75 9.44 -17.88
C SER A 85 12.05 8.26 -16.93
N ASN A 86 11.12 7.32 -16.73
CA ASN A 86 11.24 6.31 -15.70
C ASN A 86 11.38 6.90 -14.29
N ILE A 87 10.49 7.83 -13.88
CA ILE A 87 10.59 8.38 -12.52
C ILE A 87 9.24 8.30 -11.77
N ILE A 88 9.37 7.86 -10.54
CA ILE A 88 8.28 7.77 -9.58
C ILE A 88 8.74 8.52 -8.33
N SER A 89 7.90 9.43 -7.84
CA SER A 89 8.13 10.23 -6.66
C SER A 89 6.85 10.23 -5.81
N ILE A 90 7.06 10.01 -4.52
CA ILE A 90 5.99 10.00 -3.54
C ILE A 90 6.37 10.92 -2.38
N TRP A 91 5.52 11.93 -2.19
CA TRP A 91 5.75 13.00 -1.24
C TRP A 91 4.67 12.96 -0.17
N ASN A 92 5.04 13.08 1.11
CA ASN A 92 4.06 13.30 2.14
C ASN A 92 4.52 14.44 3.05
N ASN A 93 3.55 15.07 3.75
CA ASN A 93 3.79 16.05 4.80
C ASN A 93 3.51 15.41 6.13
N GLY A 94 3.41 16.25 7.13
CA GLY A 94 3.41 15.71 8.48
C GLY A 94 4.83 15.39 8.90
N LYS A 95 4.98 14.80 10.07
CA LYS A 95 6.32 14.74 10.64
C LYS A 95 7.27 14.05 9.65
N GLY A 96 8.51 14.57 9.62
CA GLY A 96 9.58 14.04 8.82
C GLY A 96 10.41 13.07 9.65
N ILE A 97 11.52 12.64 9.10
CA ILE A 97 12.36 11.69 9.83
C ILE A 97 13.47 12.48 10.53
N PRO A 98 13.65 12.26 11.83
CA PRO A 98 14.70 12.97 12.56
C PRO A 98 16.04 13.01 11.83
N VAL A 99 16.55 14.20 11.53
CA VAL A 99 17.77 14.27 10.79
C VAL A 99 18.86 14.52 11.84
N VAL A 100 19.36 13.42 12.41
CA VAL A 100 20.35 13.43 13.46
C VAL A 100 21.20 12.14 13.33
N GLU A 101 22.39 12.13 13.93
CA GLU A 101 23.20 10.92 14.03
C GLU A 101 22.48 9.92 14.93
N HIS A 102 22.23 8.69 14.47
CA HIS A 102 21.76 7.66 15.40
C HIS A 102 22.91 7.35 16.36
N LYS A 103 22.72 7.46 17.68
CA LYS A 103 23.85 7.28 18.59
C LYS A 103 24.37 5.83 18.67
N VAL A 104 23.62 4.83 18.17
CA VAL A 104 24.07 3.43 18.22
C VAL A 104 24.74 3.05 16.91
N GLU A 105 24.16 3.44 15.76
CA GLU A 105 24.64 3.03 14.45
C GLU A 105 25.51 4.11 13.81
N LYS A 106 25.60 5.27 14.43
CA LYS A 106 26.63 6.24 14.08
C LYS A 106 26.43 6.77 12.66
N VAL A 107 25.17 6.79 12.15
CA VAL A 107 24.84 7.38 10.87
C VAL A 107 23.55 8.16 11.06
N TYR A 108 23.26 9.06 10.11
CA TYR A 108 22.01 9.80 10.08
C TYR A 108 20.82 8.84 10.03
N VAL A 109 19.80 9.14 10.80
CA VAL A 109 18.67 8.26 10.87
C VAL A 109 18.10 7.93 9.49
N PRO A 110 17.82 8.86 8.55
CA PRO A 110 17.34 8.46 7.21
C PRO A 110 18.27 7.57 6.40
N ALA A 111 19.58 7.77 6.54
CA ALA A 111 20.57 6.90 5.93
C ALA A 111 20.39 5.46 6.41
N LEU A 112 20.29 5.34 7.72
CA LEU A 112 20.14 4.04 8.31
C LEU A 112 18.90 3.35 7.75
N ILE A 113 17.73 4.02 7.68
CA ILE A 113 16.48 3.29 7.50
C ILE A 113 16.10 3.10 6.03
N PHE A 114 16.79 3.81 5.16
CA PHE A 114 16.64 3.60 3.74
C PHE A 114 17.87 2.92 3.13
N GLY A 115 19.00 2.82 3.87
CA GLY A 115 20.26 2.32 3.31
C GLY A 115 20.79 1.02 3.94
N GLN A 116 20.20 0.58 5.07
CA GLN A 116 20.69 -0.62 5.72
C GLN A 116 19.51 -1.54 5.91
N LEU A 117 19.76 -2.83 5.68
CA LEU A 117 18.74 -3.85 5.80
C LEU A 117 18.27 -3.99 7.24
N LEU A 118 17.02 -4.44 7.40
CA LEU A 118 16.45 -4.81 8.69
C LEU A 118 16.43 -3.63 9.69
N THR A 119 15.95 -2.45 9.21
CA THR A 119 15.88 -1.24 9.96
C THR A 119 14.44 -0.79 9.91
N SER A 120 13.90 -0.24 11.02
CA SER A 120 12.48 0.06 11.12
C SER A 120 12.15 0.76 12.44
N SER A 121 11.00 1.45 12.43
CA SER A 121 10.46 2.11 13.61
C SER A 121 9.34 1.26 14.19
N ASN A 122 9.15 0.07 13.63
CA ASN A 122 8.00 -0.76 13.89
C ASN A 122 8.40 -2.15 14.37
N TYR A 123 9.56 -2.33 14.99
CA TYR A 123 9.98 -3.64 15.50
C TYR A 123 9.36 -3.90 16.88
N ASP A 124 9.32 -2.86 17.74
CA ASP A 124 8.57 -2.90 18.97
C ASP A 124 7.11 -2.82 18.56
N ASP A 125 6.31 -3.75 19.07
CA ASP A 125 4.92 -3.87 18.70
C ASP A 125 4.19 -3.04 19.74
N ASP A 126 4.36 -1.70 19.61
CA ASP A 126 3.79 -0.67 20.46
C ASP A 126 2.37 -0.49 19.98
N GLU A 127 1.55 -1.51 20.21
CA GLU A 127 0.43 -1.87 19.34
C GLU A 127 0.00 -0.67 18.50
N LYS A 128 -0.32 0.45 19.18
CA LYS A 128 -0.89 1.63 18.55
C LYS A 128 0.05 2.16 17.46
N LYS A 129 -0.55 2.93 16.54
CA LYS A 129 -0.03 3.08 15.20
C LYS A 129 -0.05 1.68 14.56
N VAL A 130 -1.20 1.45 13.90
CA VAL A 130 -1.49 0.32 13.02
C VAL A 130 -1.01 0.67 11.59
N THR A 131 0.31 0.49 11.40
CA THR A 131 1.01 0.71 10.17
C THR A 131 1.00 -0.60 9.40
N GLY A 132 1.19 -0.55 8.09
CA GLY A 132 1.36 -1.76 7.29
C GLY A 132 2.81 -2.24 7.38
N GLY A 133 3.70 -1.29 7.67
CA GLY A 133 5.08 -1.62 7.89
C GLY A 133 5.26 -2.39 9.19
N ARG A 134 6.31 -3.22 9.22
CA ARG A 134 6.46 -4.23 10.24
C ARG A 134 7.86 -4.90 10.19
N ASN A 135 8.38 -5.23 8.99
CA ASN A 135 9.55 -6.09 8.87
C ASN A 135 10.85 -5.33 8.61
N GLY A 136 10.76 -4.12 8.11
CA GLY A 136 11.93 -3.28 7.94
C GLY A 136 12.72 -3.56 6.66
N TYR A 137 12.03 -4.09 5.62
CA TYR A 137 12.61 -4.42 4.32
C TYR A 137 12.15 -3.52 3.16
N GLY A 138 10.87 -3.15 3.16
CA GLY A 138 10.18 -2.55 2.03
C GLY A 138 10.96 -1.45 1.31
N ALA A 139 11.42 -0.44 2.04
CA ALA A 139 12.11 0.70 1.44
C ALA A 139 13.46 0.30 0.85
N LYS A 140 14.22 -0.57 1.53
CA LYS A 140 15.49 -1.05 0.99
C LYS A 140 15.22 -1.88 -0.28
N LEU A 141 14.12 -2.67 -0.30
CA LEU A 141 13.77 -3.44 -1.45
C LEU A 141 13.53 -2.52 -2.65
N CYS A 142 12.72 -1.47 -2.50
CA CYS A 142 12.65 -0.49 -3.58
C CYS A 142 14.03 0.04 -3.98
N ASN A 143 14.88 0.38 -3.01
CA ASN A 143 16.18 1.01 -3.28
C ASN A 143 17.04 0.05 -4.11
N ILE A 144 17.03 -1.22 -3.72
CA ILE A 144 17.82 -2.25 -4.33
C ILE A 144 17.31 -2.56 -5.74
N PHE A 145 16.00 -2.41 -5.97
CA PHE A 145 15.40 -2.68 -7.27
C PHE A 145 15.24 -1.40 -8.09
N SER A 146 16.15 -0.44 -7.87
CA SER A 146 16.19 0.86 -8.52
C SER A 146 17.57 1.21 -9.06
N THR A 147 17.66 1.82 -10.25
CA THR A 147 18.92 2.32 -10.75
C THR A 147 19.30 3.59 -10.00
N LYS A 148 18.26 4.30 -9.54
CA LYS A 148 18.47 5.47 -8.73
C LYS A 148 17.35 5.68 -7.69
N PHE A 149 17.68 6.23 -6.52
CA PHE A 149 16.80 6.22 -5.35
C PHE A 149 17.19 7.37 -4.43
N THR A 150 16.29 8.35 -4.29
CA THR A 150 16.60 9.59 -3.61
C THR A 150 15.62 9.75 -2.45
N VAL A 151 16.19 10.04 -1.29
CA VAL A 151 15.41 10.27 -0.09
C VAL A 151 15.66 11.72 0.33
N GLU A 152 14.58 12.52 0.42
CA GLU A 152 14.61 13.83 1.04
C GLU A 152 13.64 13.84 2.21
N THR A 153 14.11 14.39 3.33
CA THR A 153 13.20 14.54 4.44
C THR A 153 13.62 15.74 5.27
N ALA A 154 12.66 16.27 6.00
CA ALA A 154 13.00 17.34 6.92
C ALA A 154 12.12 17.25 8.16
N CYS A 155 12.77 17.49 9.30
CA CYS A 155 12.13 17.39 10.58
C CYS A 155 12.45 18.63 11.43
N LYS A 156 11.50 19.54 11.60
CA LYS A 156 11.67 20.81 12.31
C LYS A 156 12.16 20.55 13.73
N GLU A 157 11.54 19.59 14.42
CA GLU A 157 11.92 19.23 15.78
C GLU A 157 13.43 19.05 15.93
N TYR A 158 14.09 18.60 14.87
CA TYR A 158 15.51 18.28 14.99
C TYR A 158 16.32 19.24 14.14
N LYS A 159 15.67 20.27 13.57
CA LYS A 159 16.32 21.46 13.06
C LYS A 159 17.09 21.22 11.76
N HIS A 160 16.98 20.04 11.12
CA HIS A 160 17.76 19.81 9.91
C HIS A 160 16.98 19.10 8.81
N SER A 161 17.50 19.23 7.59
CA SER A 161 16.97 18.55 6.44
C SER A 161 18.06 17.69 5.79
N PHE A 162 17.59 16.73 5.00
CA PHE A 162 18.42 15.61 4.60
C PHE A 162 18.06 15.27 3.17
N LYS A 163 19.12 14.98 2.44
CA LYS A 163 19.02 14.48 1.10
C LYS A 163 20.22 13.56 0.88
N GLN A 164 19.96 12.41 0.29
CA GLN A 164 20.98 11.46 -0.07
C GLN A 164 20.38 10.67 -1.23
N THR A 165 21.26 10.38 -2.19
CA THR A 165 20.94 9.61 -3.38
C THR A 165 21.69 8.27 -3.44
N TRP A 166 20.96 7.18 -3.74
CA TRP A 166 21.57 5.87 -3.96
C TRP A 166 21.50 5.49 -5.44
N MET A 167 22.46 4.65 -5.89
CA MET A 167 22.52 4.25 -7.29
C MET A 167 22.95 2.79 -7.43
N ASN A 168 22.55 2.17 -8.55
CA ASN A 168 22.90 0.82 -8.94
C ASN A 168 22.52 -0.19 -7.87
N ASN A 169 21.24 -0.31 -7.57
CA ASN A 169 20.79 -1.40 -6.74
C ASN A 169 21.38 -1.24 -5.35
N MET A 170 21.45 0.02 -4.92
CA MET A 170 21.84 0.35 -3.56
C MET A 170 23.30 0.03 -3.32
N MET A 171 24.06 -0.19 -4.39
CA MET A 171 25.49 -0.43 -4.21
C MET A 171 26.26 0.90 -4.15
N LYS A 172 25.73 2.04 -4.59
CA LYS A 172 26.50 3.27 -4.57
C LYS A 172 25.64 4.40 -3.99
N THR A 173 26.28 5.39 -3.33
CA THR A 173 25.60 6.44 -2.58
C THR A 173 26.49 7.69 -2.46
N SER A 174 25.88 8.89 -2.56
CA SER A 174 26.47 10.16 -2.15
C SER A 174 26.64 10.23 -0.61
N GLU A 175 27.45 11.18 -0.12
CA GLU A 175 27.25 11.67 1.25
C GLU A 175 25.92 12.44 1.31
N ALA A 176 25.20 12.23 2.42
CA ALA A 176 24.12 13.09 2.90
C ALA A 176 24.43 14.56 2.60
N LYS A 177 23.46 15.28 2.02
CA LYS A 177 23.43 16.73 2.10
C LYS A 177 22.54 17.06 3.30
N ILE A 178 23.13 17.76 4.27
CA ILE A 178 22.50 18.08 5.54
C ILE A 178 22.47 19.60 5.68
N LYS A 179 21.32 20.17 6.01
CA LYS A 179 21.15 21.61 6.12
C LYS A 179 20.30 21.94 7.34
N HIS A 180 20.44 23.17 7.81
CA HIS A 180 19.54 23.74 8.78
C HIS A 180 18.16 23.96 8.13
N PHE A 181 17.12 23.76 8.94
CA PHE A 181 15.77 23.71 8.45
C PHE A 181 14.82 24.17 9.54
N ASP A 182 13.86 25.04 9.15
CA ASP A 182 12.82 25.52 10.06
C ASP A 182 11.43 25.59 9.43
N GLY A 183 11.17 24.80 8.40
CA GLY A 183 9.97 24.95 7.58
C GLY A 183 8.93 23.91 7.92
N GLU A 184 8.08 23.51 6.98
CA GLU A 184 7.13 22.42 7.18
C GLU A 184 7.77 21.07 6.83
N ASP A 185 7.63 20.10 7.75
CA ASP A 185 8.11 18.73 7.58
C ASP A 185 7.54 18.07 6.32
N TYR A 186 8.38 17.29 5.63
CA TYR A 186 7.95 16.50 4.48
C TYR A 186 8.90 15.33 4.32
N THR A 187 8.44 14.25 3.67
CA THR A 187 9.35 13.26 3.16
C THR A 187 9.00 13.01 1.69
N CYS A 188 10.04 12.82 0.88
CA CYS A 188 9.91 12.67 -0.55
C CYS A 188 10.91 11.62 -1.02
N ILE A 189 10.36 10.52 -1.53
CA ILE A 189 11.16 9.43 -2.05
C ILE A 189 11.00 9.44 -3.55
N THR A 190 12.13 9.54 -4.27
CA THR A 190 12.09 9.58 -5.74
C THR A 190 13.01 8.50 -6.30
N PHE A 191 12.46 7.60 -7.14
CA PHE A 191 13.22 6.46 -7.64
C PHE A 191 12.92 6.18 -9.11
N GLN A 192 13.87 5.49 -9.76
CA GLN A 192 13.72 4.98 -11.11
C GLN A 192 13.83 3.47 -11.05
N PRO A 193 12.72 2.73 -11.18
CA PRO A 193 12.79 1.29 -10.98
C PRO A 193 13.75 0.74 -12.02
N ASP A 194 14.45 -0.35 -11.66
CA ASP A 194 15.45 -0.91 -12.55
C ASP A 194 14.73 -1.84 -13.50
N LEU A 195 14.30 -1.32 -14.65
CA LEU A 195 13.46 -2.09 -15.55
C LEU A 195 14.18 -3.32 -16.11
N SER A 196 15.53 -3.36 -16.12
CA SER A 196 16.22 -4.53 -16.65
C SER A 196 16.02 -5.76 -15.76
N LYS A 197 15.81 -5.57 -14.45
CA LYS A 197 15.60 -6.68 -13.52
C LYS A 197 14.20 -7.26 -13.69
N PHE A 198 13.30 -6.54 -14.39
CA PHE A 198 11.93 -7.01 -14.58
C PHE A 198 11.65 -7.35 -16.05
N LYS A 199 12.67 -7.26 -16.91
CA LYS A 199 12.55 -7.54 -18.34
C LYS A 199 11.53 -6.61 -18.97
N MET A 200 11.45 -5.36 -18.51
CA MET A 200 10.52 -4.46 -19.16
C MET A 200 11.36 -3.39 -19.78
N GLU A 201 10.79 -2.72 -20.77
CA GLU A 201 11.49 -1.68 -21.50
C GLU A 201 11.04 -0.32 -20.96
N LYS A 202 9.76 -0.21 -20.60
CA LYS A 202 9.21 1.05 -20.13
C LYS A 202 8.14 0.73 -19.11
N LEU A 203 7.80 1.69 -18.24
CA LEU A 203 6.57 1.52 -17.47
C LEU A 203 5.39 1.63 -18.45
N ASP A 204 4.66 0.53 -18.63
CA ASP A 204 3.69 0.46 -19.70
C ASP A 204 2.30 0.80 -19.16
N LYS A 205 1.34 0.82 -20.07
CA LYS A 205 -0.01 1.24 -19.74
C LYS A 205 -0.55 0.49 -18.51
N ASP A 206 -0.31 -0.81 -18.47
CA ASP A 206 -0.91 -1.75 -17.52
C ASP A 206 -0.43 -1.53 -16.10
N ILE A 207 0.88 -1.29 -15.95
CA ILE A 207 1.49 -1.03 -14.65
C ILE A 207 1.15 0.38 -14.16
N VAL A 208 1.19 1.39 -15.03
CA VAL A 208 0.73 2.74 -14.68
C VAL A 208 -0.77 2.71 -14.29
N ALA A 209 -1.61 1.91 -14.97
CA ALA A 209 -3.00 1.77 -14.57
C ALA A 209 -3.12 1.08 -13.20
N LEU A 210 -2.20 0.17 -12.88
CA LEU A 210 -2.24 -0.48 -11.57
C LEU A 210 -1.79 0.50 -10.49
N MET A 211 -0.69 1.21 -10.79
CA MET A 211 -0.09 2.13 -9.85
C MET A 211 -1.04 3.31 -9.55
N THR A 212 -1.70 3.80 -10.59
CA THR A 212 -2.70 4.84 -10.48
C THR A 212 -3.85 4.40 -9.55
N ARG A 213 -4.30 3.16 -9.72
CA ARG A 213 -5.34 2.65 -8.83
C ARG A 213 -4.90 2.71 -7.37
N ARG A 214 -3.69 2.28 -7.03
CA ARG A 214 -3.24 2.37 -5.64
C ARG A 214 -3.31 3.82 -5.12
N ALA A 215 -3.19 4.82 -6.00
CA ALA A 215 -3.31 6.16 -5.47
C ALA A 215 -4.77 6.48 -5.11
N TYR A 216 -5.69 5.98 -5.91
CA TYR A 216 -7.11 6.08 -5.59
C TYR A 216 -7.39 5.32 -4.30
N ASP A 217 -6.71 4.17 -4.19
CA ASP A 217 -6.89 3.28 -3.08
C ASP A 217 -6.53 3.98 -1.78
N LEU A 218 -5.40 4.70 -1.82
CA LEU A 218 -4.93 5.54 -0.73
C LEU A 218 -5.95 6.62 -0.36
N ALA A 219 -6.40 7.39 -1.37
CA ALA A 219 -7.49 8.33 -1.13
C ALA A 219 -8.66 7.64 -0.45
N GLY A 220 -8.97 6.41 -0.87
CA GLY A 220 -10.09 5.67 -0.31
C GLY A 220 -9.80 5.15 1.08
N SER A 221 -8.56 4.76 1.35
CA SER A 221 -8.27 3.95 2.53
C SER A 221 -7.74 4.81 3.67
N CYS A 222 -7.21 6.00 3.38
CA CYS A 222 -6.40 6.67 4.37
C CYS A 222 -7.18 7.90 4.82
N ARG A 223 -7.84 7.79 5.98
CA ARG A 223 -8.74 8.85 6.44
C ARG A 223 -7.90 10.09 6.72
N GLY A 224 -8.28 11.20 6.11
CA GLY A 224 -7.77 12.51 6.52
C GLY A 224 -6.55 12.94 5.75
N VAL A 225 -6.38 12.35 4.56
CA VAL A 225 -5.28 12.71 3.70
C VAL A 225 -5.81 13.01 2.29
N LYS A 226 -5.51 14.19 1.72
CA LYS A 226 -5.69 14.41 0.30
C LYS A 226 -4.59 13.64 -0.44
N VAL A 227 -4.92 13.20 -1.64
CA VAL A 227 -4.00 12.54 -2.55
C VAL A 227 -3.99 13.29 -3.86
N MET A 228 -2.79 13.61 -4.35
CA MET A 228 -2.62 14.16 -5.67
C MET A 228 -1.81 13.17 -6.49
N PHE A 229 -2.33 12.96 -7.71
CA PHE A 229 -1.75 12.17 -8.75
C PHE A 229 -1.43 13.08 -9.93
N ASN A 230 -0.15 13.09 -10.28
CA ASN A 230 0.44 13.94 -11.32
C ASN A 230 -0.02 15.38 -11.17
N GLY A 231 -0.05 15.91 -9.93
CA GLY A 231 -0.42 17.29 -9.68
C GLY A 231 -1.92 17.58 -9.50
N LYS A 232 -2.80 16.56 -9.54
CA LYS A 232 -4.24 16.81 -9.39
C LYS A 232 -4.79 16.09 -8.18
N LYS A 233 -5.60 16.76 -7.36
CA LYS A 233 -6.34 16.12 -6.26
C LYS A 233 -7.30 15.09 -6.83
N LEU A 234 -7.26 13.89 -6.21
CA LEU A 234 -8.26 12.89 -6.52
C LEU A 234 -9.58 13.27 -5.83
N PRO A 235 -10.68 13.33 -6.61
CA PRO A 235 -12.03 13.62 -6.07
C PRO A 235 -12.66 12.44 -5.31
N VAL A 236 -11.98 12.02 -4.26
CA VAL A 236 -12.44 10.99 -3.36
C VAL A 236 -12.37 11.59 -1.96
N ASN A 237 -13.46 11.50 -1.21
CA ASN A 237 -13.49 11.84 0.20
C ASN A 237 -14.41 10.85 0.92
N GLY A 238 -13.84 10.09 1.86
CA GLY A 238 -14.56 9.02 2.54
C GLY A 238 -14.56 7.74 1.70
N PHE A 239 -14.78 6.64 2.36
CA PHE A 239 -14.75 5.33 1.74
C PHE A 239 -15.92 5.10 0.77
N ARG A 240 -17.12 5.55 1.12
CA ARG A 240 -18.30 5.35 0.29
CA ARG A 240 -18.30 5.36 0.30
C ARG A 240 -18.03 5.88 -1.12
N SER A 241 -17.31 7.00 -1.24
CA SER A 241 -17.15 7.63 -2.53
C SER A 241 -16.14 6.87 -3.36
N TYR A 242 -15.19 6.21 -2.68
CA TYR A 242 -14.25 5.30 -3.34
C TYR A 242 -15.00 4.08 -3.86
N VAL A 243 -15.76 3.39 -3.01
CA VAL A 243 -16.65 2.31 -3.43
C VAL A 243 -17.45 2.72 -4.70
N ASP A 244 -17.99 3.95 -4.75
CA ASP A 244 -18.72 4.49 -5.89
C ASP A 244 -17.92 4.37 -7.18
N LEU A 245 -16.60 4.46 -7.10
CA LEU A 245 -15.83 4.27 -8.32
C LEU A 245 -16.12 2.88 -8.91
N TYR A 246 -16.49 1.89 -8.09
CA TYR A 246 -16.60 0.52 -8.60
C TYR A 246 -18.02 0.22 -9.05
N VAL A 247 -19.01 0.83 -8.37
CA VAL A 247 -20.40 0.49 -8.60
C VAL A 247 -21.03 1.48 -9.59
N LYS A 248 -20.28 2.49 -10.01
CA LYS A 248 -20.81 3.43 -10.99
C LYS A 248 -21.11 2.62 -12.25
N ASP A 249 -22.39 2.68 -12.67
CA ASP A 249 -22.87 2.09 -13.91
C ASP A 249 -22.87 0.58 -13.84
N LYS A 250 -23.03 0.01 -12.64
CA LYS A 250 -23.35 -1.40 -12.46
C LYS A 250 -24.85 -1.53 -12.28
N LEU A 251 -25.43 -2.65 -12.76
CA LEU A 251 -26.86 -2.92 -12.67
C LEU A 251 -27.10 -4.19 -11.85
N ASP A 252 -28.25 -4.23 -11.14
CA ASP A 252 -28.87 -5.45 -10.62
C ASP A 252 -29.62 -6.15 -11.75
N GLU A 253 -30.31 -7.23 -11.38
CA GLU A 253 -31.10 -8.10 -12.23
C GLU A 253 -32.22 -7.36 -12.93
N THR A 254 -32.72 -6.26 -12.34
CA THR A 254 -33.82 -5.52 -12.92
C THR A 254 -33.37 -4.18 -13.53
N GLY A 255 -32.09 -4.03 -13.82
CA GLY A 255 -31.63 -2.93 -14.63
C GLY A 255 -31.58 -1.60 -13.90
N VAL A 256 -31.47 -1.71 -12.58
CA VAL A 256 -31.47 -0.60 -11.62
C VAL A 256 -30.10 -0.52 -10.94
N ALA A 257 -29.59 0.70 -10.77
CA ALA A 257 -28.25 0.86 -10.25
C ALA A 257 -28.16 0.15 -8.89
N LEU A 258 -26.93 -0.23 -8.50
CA LEU A 258 -26.73 -1.04 -7.30
C LEU A 258 -27.01 -0.18 -6.09
N LYS A 259 -27.64 -0.74 -5.06
CA LYS A 259 -27.78 -0.01 -3.82
C LYS A 259 -26.64 -0.40 -2.89
N VAL A 260 -26.06 0.62 -2.24
CA VAL A 260 -24.89 0.41 -1.38
C VAL A 260 -25.22 0.78 0.05
N ILE A 261 -24.98 -0.17 0.97
CA ILE A 261 -25.14 -0.01 2.40
C ILE A 261 -23.76 0.24 3.02
N HIS A 262 -23.69 1.24 3.89
CA HIS A 262 -22.43 1.62 4.50
C HIS A 262 -22.63 1.77 6.00
N GLU A 263 -21.71 1.23 6.79
CA GLU A 263 -21.51 1.63 8.15
C GLU A 263 -20.01 1.67 8.49
N LEU A 264 -19.55 2.83 9.00
CA LEU A 264 -18.34 2.90 9.80
C LEU A 264 -18.59 2.34 11.21
N ALA A 265 -18.35 1.05 11.39
CA ALA A 265 -18.59 0.37 12.66
C ALA A 265 -17.77 0.93 13.83
N ASN A 266 -16.48 1.22 13.60
CA ASN A 266 -15.64 2.01 14.49
C ASN A 266 -14.46 2.51 13.64
N GLU A 267 -13.48 3.19 14.23
CA GLU A 267 -12.40 3.78 13.45
C GLU A 267 -11.67 2.72 12.64
N ARG A 268 -11.52 1.51 13.19
CA ARG A 268 -10.78 0.43 12.53
C ARG A 268 -11.59 -0.42 11.54
N TRP A 269 -12.90 -0.16 11.36
CA TRP A 269 -13.69 -0.97 10.45
C TRP A 269 -14.70 -0.13 9.69
N ASP A 270 -14.38 0.15 8.43
CA ASP A 270 -15.31 0.79 7.53
C ASP A 270 -15.79 -0.25 6.50
N VAL A 271 -17.13 -0.40 6.37
CA VAL A 271 -17.74 -1.50 5.64
C VAL A 271 -18.89 -1.02 4.75
N CYS A 272 -18.81 -1.40 3.45
CA CYS A 272 -19.85 -1.22 2.43
C CYS A 272 -20.18 -2.57 1.81
N LEU A 273 -21.44 -2.73 1.44
CA LEU A 273 -21.97 -4.00 0.98
C LEU A 273 -23.00 -3.70 -0.10
N THR A 274 -22.97 -4.50 -1.18
CA THR A 274 -24.06 -4.55 -2.12
C THR A 274 -24.19 -5.97 -2.62
N LEU A 275 -25.11 -6.15 -3.56
CA LEU A 275 -25.33 -7.40 -4.25
C LEU A 275 -24.21 -7.65 -5.27
N SER A 276 -23.71 -8.90 -5.39
CA SER A 276 -22.90 -9.34 -6.53
C SER A 276 -23.73 -10.18 -7.50
N GLU A 277 -23.36 -10.12 -8.81
CA GLU A 277 -24.06 -10.79 -9.90
C GLU A 277 -23.02 -11.55 -10.72
N LYS A 278 -22.09 -12.11 -9.98
CA LYS A 278 -20.77 -12.44 -10.50
C LYS A 278 -20.05 -13.28 -9.45
N GLY A 279 -20.80 -13.77 -8.46
CA GLY A 279 -20.24 -14.50 -7.33
C GLY A 279 -19.68 -13.58 -6.24
N PHE A 280 -19.02 -14.21 -5.27
CA PHE A 280 -18.39 -13.53 -4.16
C PHE A 280 -17.30 -12.59 -4.64
N GLN A 281 -17.43 -11.28 -4.35
CA GLN A 281 -16.32 -10.34 -4.60
C GLN A 281 -15.97 -9.58 -3.33
N GLN A 282 -14.72 -9.17 -3.21
CA GLN A 282 -14.33 -8.33 -2.11
C GLN A 282 -13.25 -7.36 -2.57
N ILE A 283 -13.40 -6.12 -2.07
CA ILE A 283 -12.37 -5.10 -2.13
C ILE A 283 -12.01 -4.74 -0.70
N SER A 284 -10.73 -4.87 -0.34
CA SER A 284 -10.39 -4.76 1.06
C SER A 284 -9.01 -4.18 1.24
N PHE A 285 -8.89 -3.47 2.37
CA PHE A 285 -7.64 -2.90 2.79
C PHE A 285 -7.37 -3.15 4.27
N VAL A 286 -6.11 -3.55 4.55
CA VAL A 286 -5.54 -3.64 5.88
C VAL A 286 -4.39 -2.64 5.99
N ASN A 287 -4.55 -1.57 6.80
CA ASN A 287 -3.53 -0.55 7.06
C ASN A 287 -3.06 0.09 5.76
N SER A 288 -4.00 0.26 4.82
CA SER A 288 -3.82 0.83 3.49
C SER A 288 -3.13 -0.10 2.48
N ILE A 289 -2.91 -1.37 2.82
CA ILE A 289 -2.35 -2.39 1.95
C ILE A 289 -3.53 -3.09 1.27
N ALA A 290 -3.46 -3.30 -0.05
CA ALA A 290 -4.56 -3.85 -0.81
C ALA A 290 -4.52 -5.39 -0.70
N THR A 291 -5.43 -5.96 0.09
CA THR A 291 -5.53 -7.40 0.26
C THR A 291 -6.37 -7.98 -0.85
N THR A 292 -5.81 -8.08 -2.07
CA THR A 292 -6.66 -8.41 -3.22
C THR A 292 -7.10 -9.88 -3.20
N LYS A 293 -6.43 -10.77 -2.44
CA LYS A 293 -6.93 -12.12 -2.27
C LYS A 293 -7.73 -12.21 -0.97
N GLY A 294 -7.60 -11.23 -0.10
CA GLY A 294 -8.46 -11.11 1.07
C GLY A 294 -7.77 -11.67 2.32
N GLY A 295 -8.49 -12.50 3.08
CA GLY A 295 -7.96 -13.16 4.27
C GLY A 295 -8.90 -13.07 5.47
N ARG A 296 -8.33 -13.20 6.67
CA ARG A 296 -9.07 -13.43 7.89
C ARG A 296 -9.89 -12.21 8.32
N HIS A 297 -9.60 -11.04 7.77
CA HIS A 297 -10.40 -9.87 8.11
C HIS A 297 -11.67 -9.83 7.25
N VAL A 298 -11.55 -10.35 6.02
CA VAL A 298 -12.70 -10.42 5.11
C VAL A 298 -13.61 -11.54 5.63
N ASP A 299 -13.03 -12.72 5.88
CA ASP A 299 -13.77 -13.82 6.45
C ASP A 299 -14.50 -13.30 7.70
N TYR A 300 -13.83 -12.55 8.56
CA TYR A 300 -14.43 -12.15 9.82
C TYR A 300 -15.73 -11.35 9.65
N VAL A 301 -15.71 -10.38 8.70
CA VAL A 301 -16.87 -9.51 8.50
C VAL A 301 -17.96 -10.25 7.74
N VAL A 302 -17.55 -11.05 6.76
CA VAL A 302 -18.49 -11.72 5.88
C VAL A 302 -19.29 -12.76 6.65
N ASP A 303 -18.65 -13.51 7.58
CA ASP A 303 -19.30 -14.50 8.44
C ASP A 303 -20.41 -13.86 9.29
N GLN A 304 -20.12 -12.64 9.72
CA GLN A 304 -21.04 -11.88 10.52
C GLN A 304 -22.27 -11.59 9.64
N VAL A 305 -22.02 -11.12 8.41
CA VAL A 305 -23.08 -10.59 7.57
C VAL A 305 -23.94 -11.73 7.05
N VAL A 306 -23.26 -12.77 6.53
CA VAL A 306 -23.80 -14.10 6.29
C VAL A 306 -24.50 -14.68 7.53
N GLY A 307 -24.03 -14.35 8.73
CA GLY A 307 -24.71 -14.72 9.97
C GLY A 307 -26.22 -14.50 9.92
N LYS A 308 -26.68 -13.35 9.39
CA LYS A 308 -28.03 -12.87 9.62
C LYS A 308 -29.01 -13.41 8.58
N LEU A 309 -28.53 -13.52 7.34
CA LEU A 309 -29.43 -13.57 6.20
C LEU A 309 -29.95 -15.00 5.97
N PRO A 325 -26.33 -20.45 3.21
CA PRO A 325 -25.20 -20.70 4.14
C PRO A 325 -23.87 -20.15 3.61
N PHE A 326 -23.45 -20.72 2.48
CA PHE A 326 -22.33 -20.25 1.68
C PHE A 326 -22.87 -19.85 0.30
N GLN A 327 -24.19 -20.03 0.09
CA GLN A 327 -24.88 -19.59 -1.11
C GLN A 327 -25.13 -18.08 -1.00
N VAL A 328 -25.17 -17.60 0.24
CA VAL A 328 -25.34 -16.18 0.57
C VAL A 328 -24.09 -15.41 0.14
N LYS A 329 -22.91 -15.84 0.64
CA LYS A 329 -21.58 -15.38 0.23
C LYS A 329 -21.60 -15.12 -1.28
N ASN A 330 -22.33 -15.96 -2.02
CA ASN A 330 -22.28 -15.93 -3.48
C ASN A 330 -22.95 -14.67 -4.03
N HIS A 331 -23.73 -13.95 -3.22
CA HIS A 331 -24.38 -12.73 -3.74
C HIS A 331 -23.91 -11.45 -3.03
N ILE A 332 -22.75 -11.52 -2.39
CA ILE A 332 -22.23 -10.43 -1.58
C ILE A 332 -21.04 -9.82 -2.30
N TRP A 333 -21.07 -8.48 -2.39
CA TRP A 333 -19.91 -7.70 -2.75
C TRP A 333 -19.58 -6.79 -1.59
N VAL A 334 -18.46 -7.06 -0.96
CA VAL A 334 -18.09 -6.42 0.28
C VAL A 334 -16.84 -5.57 0.07
N PHE A 335 -16.89 -4.36 0.65
CA PHE A 335 -15.75 -3.46 0.67
C PHE A 335 -15.32 -3.16 2.10
N ILE A 336 -14.05 -3.49 2.43
CA ILE A 336 -13.58 -3.34 3.79
C ILE A 336 -12.35 -2.45 3.82
N ASN A 337 -12.42 -1.44 4.67
CA ASN A 337 -11.25 -0.67 5.07
C ASN A 337 -11.01 -0.87 6.56
N CYS A 338 -9.95 -1.58 6.93
CA CYS A 338 -9.75 -1.85 8.33
C CYS A 338 -8.32 -1.57 8.79
N LEU A 339 -8.19 -1.49 10.12
CA LEU A 339 -6.91 -1.35 10.80
C LEU A 339 -6.66 -2.47 11.80
N ILE A 340 -5.53 -3.18 11.61
CA ILE A 340 -5.09 -4.37 12.31
C ILE A 340 -3.69 -4.14 12.90
N GLU A 341 -3.53 -4.70 14.10
CA GLU A 341 -2.31 -4.60 14.86
C GLU A 341 -1.40 -5.74 14.45
N ASN A 342 -0.28 -5.37 13.85
CA ASN A 342 0.76 -6.31 13.45
C ASN A 342 0.22 -7.29 12.41
N PRO A 343 -0.35 -6.82 11.27
CA PRO A 343 -0.82 -7.76 10.25
C PRO A 343 0.26 -8.74 9.77
N THR A 344 -0.13 -10.00 9.55
CA THR A 344 0.72 -11.01 8.92
C THR A 344 0.16 -11.34 7.53
N PHE A 345 1.00 -11.82 6.63
CA PHE A 345 0.56 -12.15 5.28
C PHE A 345 1.17 -13.47 4.85
N ASP A 346 0.45 -14.14 3.94
CA ASP A 346 0.82 -15.47 3.53
C ASP A 346 1.86 -15.38 2.41
N SER A 347 2.19 -14.16 1.96
CA SER A 347 3.27 -13.97 1.03
C SER A 347 3.75 -12.52 1.10
N GLN A 348 4.93 -12.25 0.52
CA GLN A 348 5.58 -10.95 0.54
C GLN A 348 4.83 -9.92 -0.31
N THR A 349 3.94 -10.34 -1.21
CA THR A 349 3.18 -9.41 -2.03
C THR A 349 1.89 -9.04 -1.32
N LYS A 350 1.58 -9.75 -0.20
CA LYS A 350 0.66 -9.27 0.83
C LYS A 350 -0.76 -9.15 0.29
N GLU A 351 -1.15 -9.95 -0.69
CA GLU A 351 -2.56 -9.86 -1.08
C GLU A 351 -3.48 -10.70 -0.19
N ASN A 352 -2.93 -11.43 0.80
CA ASN A 352 -3.78 -12.22 1.67
C ASN A 352 -3.31 -12.10 3.11
N MET A 353 -4.16 -11.58 3.98
CA MET A 353 -3.78 -11.31 5.37
C MET A 353 -4.23 -12.43 6.31
N THR A 354 -3.29 -12.96 7.12
CA THR A 354 -3.44 -14.28 7.75
C THR A 354 -3.64 -14.20 9.27
N LEU A 355 -3.68 -13.00 9.82
CA LEU A 355 -3.77 -12.89 11.26
C LEU A 355 -5.12 -13.42 11.73
N GLN A 356 -5.11 -14.08 12.90
CA GLN A 356 -6.32 -14.55 13.57
C GLN A 356 -7.11 -13.36 14.13
N PRO A 357 -8.44 -13.35 13.92
CA PRO A 357 -9.31 -12.32 14.52
C PRO A 357 -9.05 -11.98 15.99
N LYS A 358 -8.78 -13.02 16.79
CA LYS A 358 -8.52 -12.86 18.22
C LYS A 358 -7.56 -11.71 18.46
N SER A 359 -6.46 -11.69 17.69
CA SER A 359 -5.35 -10.78 17.93
C SER A 359 -5.30 -9.66 16.88
N PHE A 360 -6.46 -9.06 16.56
CA PHE A 360 -6.59 -7.96 15.62
C PHE A 360 -6.42 -6.65 16.34
N GLY A 361 -6.71 -6.71 17.63
CA GLY A 361 -6.75 -5.53 18.46
C GLY A 361 -8.06 -4.77 18.41
N SER A 362 -9.07 -5.27 17.70
CA SER A 362 -10.36 -4.59 17.72
C SER A 362 -11.50 -5.55 17.38
N LYS A 363 -12.73 -5.03 17.50
CA LYS A 363 -13.90 -5.78 17.09
C LYS A 363 -14.71 -4.99 16.08
N CYS A 364 -15.48 -5.73 15.32
CA CYS A 364 -16.43 -5.11 14.42
C CYS A 364 -17.80 -5.70 14.76
N GLN A 365 -18.69 -4.85 15.33
CA GLN A 365 -20.10 -5.22 15.43
C GLN A 365 -20.91 -4.23 14.59
N LEU A 366 -21.46 -4.75 13.49
CA LEU A 366 -22.31 -3.93 12.68
C LEU A 366 -23.67 -3.83 13.40
N SER A 367 -24.28 -2.63 13.31
CA SER A 367 -25.50 -2.27 14.01
C SER A 367 -26.69 -3.02 13.42
N GLU A 368 -27.85 -2.84 14.05
CA GLU A 368 -29.04 -3.51 13.56
C GLU A 368 -29.51 -2.73 12.35
N LYS A 369 -29.32 -1.41 12.37
CA LYS A 369 -29.70 -0.56 11.24
C LYS A 369 -29.07 -1.10 9.93
N PHE A 370 -27.82 -1.60 10.00
CA PHE A 370 -27.08 -2.06 8.82
C PHE A 370 -27.59 -3.41 8.32
N PHE A 371 -27.93 -4.31 9.24
CA PHE A 371 -28.43 -5.61 8.82
C PHE A 371 -29.78 -5.44 8.15
N LYS A 372 -30.66 -4.61 8.74
CA LYS A 372 -31.97 -4.33 8.14
C LYS A 372 -31.72 -3.72 6.76
N ALA A 373 -30.95 -2.63 6.74
CA ALA A 373 -30.62 -1.93 5.49
C ALA A 373 -30.05 -2.90 4.44
N ALA A 374 -29.34 -3.94 4.89
CA ALA A 374 -28.73 -4.93 4.02
C ALA A 374 -29.73 -5.98 3.50
N SER A 375 -30.89 -6.15 4.15
CA SER A 375 -31.91 -7.04 3.63
C SER A 375 -32.42 -6.52 2.30
N ASN A 376 -32.74 -5.23 2.28
CA ASN A 376 -33.59 -4.65 1.25
C ASN A 376 -32.77 -4.17 0.04
N CYS A 377 -31.58 -4.73 -0.18
CA CYS A 377 -30.72 -4.27 -1.25
C CYS A 377 -30.55 -5.31 -2.37
N GLY A 378 -31.04 -6.57 -2.23
CA GLY A 378 -30.92 -7.54 -3.30
C GLY A 378 -31.27 -8.96 -2.89
PB ADP B . 8.77 -0.73 7.60
O1B ADP B . 7.79 0.17 6.86
O2B ADP B . 9.04 -0.30 9.03
O3B ADP B . 8.43 -2.17 7.43
PA ADP B . 10.54 0.25 5.54
O1A ADP B . 9.31 0.37 4.68
O2A ADP B . 11.77 -0.35 4.94
O3A ADP B . 10.14 -0.58 6.85
O5' ADP B . 10.87 1.67 6.14
C5' ADP B . 11.96 1.96 7.07
C4' ADP B . 11.52 2.99 8.07
O4' ADP B . 11.55 4.29 7.43
C3' ADP B . 10.10 2.90 8.61
O3' ADP B . 9.99 1.99 9.67
C2' ADP B . 9.79 4.35 9.02
O2' ADP B . 10.33 4.56 10.30
C1' ADP B . 10.57 5.16 7.99
N9 ADP B . 9.82 5.72 6.89
C8 ADP B . 9.68 5.21 5.62
N7 ADP B . 8.99 5.97 4.80
C5 ADP B . 8.65 7.06 5.58
C6 ADP B . 7.86 8.19 5.30
N6 ADP B . 7.35 8.43 4.10
N1 ADP B . 7.70 9.11 6.28
C2 ADP B . 8.29 8.87 7.47
N3 ADP B . 9.02 7.81 7.87
C4 ADP B . 9.18 6.94 6.86
H5'1 ADP B . 12.74 2.29 6.57
H5'2 ADP B . 12.22 1.13 7.53
H4' ADP B . 12.16 3.00 8.81
H3' ADP B . 9.49 2.63 7.87
H2' ADP B . 8.81 4.54 8.98
H1' ADP B . 11.02 5.89 8.46
H8 ADP B . 10.06 4.39 5.36
HN61 ADP B . 7.40 9.23 3.76
HN62 ADP B . 6.96 7.79 3.65
H2 ADP B . 8.15 9.52 8.14
S SO4 C . 8.11 -5.55 4.57
O1 SO4 C . 9.37 -4.88 4.93
O2 SO4 C . 7.10 -5.20 5.57
O3 SO4 C . 8.30 -6.99 4.53
O4 SO4 C . 7.71 -5.13 3.26
S SO4 D . -11.18 11.59 3.70
O1 SO4 D . -12.12 12.63 3.45
O2 SO4 D . -9.91 12.20 3.81
O3 SO4 D . -11.21 10.66 2.58
O4 SO4 D . -11.54 10.89 4.91
S SO4 E . 1.83 -0.07 -23.81
O1 SO4 E . 2.64 0.86 -23.04
O2 SO4 E . 0.73 0.63 -24.42
O3 SO4 E . 1.31 -1.12 -22.94
O4 SO4 E . 2.61 -0.71 -24.85
S SO4 F . 23.85 23.41 13.11
O1 SO4 F . 24.90 24.24 13.64
O2 SO4 F . 22.74 23.37 14.07
O3 SO4 F . 23.41 23.91 11.82
O4 SO4 F . 24.39 22.07 12.91
MG MG G . 7.42 -0.02 4.93
C1 ITH H . 12.89 -12.48 4.53
C2 ITH H . 12.24 -13.00 3.27
C3 ITH H . 12.11 -14.57 3.13
C4 ITH H . 11.28 -14.93 1.90
N1 ITH H . 13.35 -15.40 3.20
C5 ITH H . 14.29 -15.37 2.05
C6 ITH H . 14.46 -16.65 1.30
O1 ITH H . 15.04 -16.66 0.22
N2 ITH H . 13.93 -17.81 1.83
C7 ITH H . 13.14 -17.89 2.95
O2 ITH H . 12.42 -18.85 3.19
C8 ITH H . 13.25 -16.72 3.87
N3 ITH H . 10.95 -12.28 3.20
C9 ITH H . 10.78 -11.30 2.10
C10 ITH H . 11.24 -9.92 2.41
O3 ITH H . 11.51 -9.15 1.53
N4 ITH H . 11.33 -9.57 3.74
C11 ITH H . 11.14 -10.43 4.79
O4 ITH H . 11.51 -10.18 5.91
C12 ITH H . 10.46 -11.72 4.46
H1 ITH H . 12.71 -11.53 4.61
H2 ITH H . 13.85 -12.64 4.49
H3 ITH H . 12.52 -12.95 5.30
H4 ITH H . 12.80 -12.69 2.51
H5 ITH H . 11.57 -14.87 3.91
H7 ITH H . 11.85 -14.93 1.11
H8 ITH H . 10.57 -14.27 1.78
H6 ITH H . 10.88 -15.80 2.02
H10 ITH H . 15.15 -15.08 2.36
H9 ITH H . 13.98 -14.69 1.42
H11 ITH H . 14.11 -18.56 1.41
H12 ITH H . 12.48 -16.73 4.46
H13 ITH H . 14.04 -16.85 4.43
H14 ITH H . 11.25 -11.62 1.32
H15 ITH H . 9.84 -11.25 1.88
H16 ITH H . 11.47 -8.72 3.92
H18 ITH H . 9.51 -11.56 4.40
H17 ITH H . 10.63 -12.35 5.18
#